data_8CH1
#
_entry.id   8CH1
#
_cell.length_a   47.1
_cell.length_b   60.61
_cell.length_c   151.28
_cell.angle_alpha   90
_cell.angle_beta   90
_cell.angle_gamma   90
#
_symmetry.space_group_name_H-M   'P 21 21 21'
#
loop_
_entity.id
_entity.type
_entity.pdbx_description
1 polymer 'Agrocinopine utilization periplasmic binding protein AccA'
2 branched beta-D-fructofuranose-(2-1)-alpha-D-glucopyranose
3 non-polymer 2-O-phosphono-beta-L-arabinopyranose
4 non-polymer 2-O-phosphono-alpha-L-arabinopyranose
5 non-polymer 1,2-ETHANEDIOL
6 non-polymer DI(HYDROXYETHYL)ETHER
7 water water
#
_entity_poly.entity_id   1
_entity_poly.type   'polypeptide(L)'
_entity_poly.pdbx_seq_one_letter_code
;SAERRALKIGVNGIPVTLEPINAISNVGPRIVNQIFDTLVVRDFFSNGAPGNGINLMPSLAESWERIDDKSVRFKLRQKV
MFHDGVEMTADDVAYTFSSERLWGPDAIKVIPLGGSYALDFDEPVVEDKYTVVIRTKTPTPLTESYMASWMGRIVPKAYY
KTLGTAAFGNKPVGTGPYKFVEFVANDRVVIEANDAYWGLKPTASKITYQLVAEPATRVAGLISGEYDIVTTLTPDDMAL
INSYPDLETRGNIVENFHMFTFNMNQPVFQSKPLRRALALAVNRPLIVQSLWMNKATIPNGFNFPNYGKTFDPNRRAMEY
NIEEAKRLVKESGYDGTPITYHTMGNYYANAVPALMMMIEMWKQIGVTVVPKVYAPGGAPKDQDSYMRNWSNGQWMTDAW
ATMICEFGPKGQVQKRWGWKAPAEFNDLCTKVSQIPDSKERFDAFNRLRDIFEEEAPAVILYQPFDVYAARKDVHWRPIS
FEMMEFRNNLAFGHHHHHH
;
_entity_poly.pdbx_strand_id   A
#
loop_
_chem_comp.id
_chem_comp.type
_chem_comp.name
_chem_comp.formula
EDO non-polymer 1,2-ETHANEDIOL 'C2 H6 O2'
FRU D-saccharide, beta linking beta-D-fructofuranose 'C6 H12 O6'
GLC D-saccharide, alpha linking alpha-D-glucopyranose 'C6 H12 O6'
LAO L-saccharide, alpha linking 2-O-phosphono-alpha-L-arabinopyranose 'C5 H11 O8 P'
PEG non-polymer DI(HYDROXYETHYL)ETHER 'C4 H10 O3'
VDF L-saccharide, beta linking 2-O-phosphono-beta-L-arabinopyranose 'C5 H11 O8 P'
#
# COMPACT_ATOMS: atom_id res chain seq x y z
N GLU A 3 33.30 6.40 2.53
CA GLU A 3 32.96 6.39 1.10
C GLU A 3 31.44 6.40 0.95
N ARG A 4 30.85 7.45 0.35
CA ARG A 4 29.41 7.51 0.10
C ARG A 4 29.17 7.58 -1.37
N ARG A 5 28.54 6.54 -1.90
CA ARG A 5 28.25 6.49 -3.31
C ARG A 5 26.90 7.10 -3.64
N ALA A 6 26.74 7.52 -4.89
CA ALA A 6 25.48 7.91 -5.47
C ALA A 6 24.83 6.62 -5.93
N LEU A 7 23.62 6.34 -5.45
CA LEU A 7 22.88 5.12 -5.80
C LEU A 7 21.92 5.37 -6.90
N LYS A 8 21.81 4.43 -7.84
CA LYS A 8 20.92 4.49 -8.99
C LYS A 8 20.01 3.26 -8.84
N ILE A 9 18.72 3.49 -8.69
CA ILE A 9 17.78 2.43 -8.41
C ILE A 9 16.77 2.35 -9.56
N GLY A 10 16.71 1.19 -10.20
CA GLY A 10 15.77 0.97 -11.29
C GLY A 10 14.47 0.46 -10.72
N VAL A 11 13.38 1.24 -10.85
CA VAL A 11 12.14 0.92 -10.21
C VAL A 11 11.00 0.58 -11.19
N ASN A 12 9.97 -0.10 -10.67
CA ASN A 12 8.79 -0.46 -11.46
C ASN A 12 7.81 0.70 -11.72
N GLY A 13 7.89 1.73 -10.91
CA GLY A 13 6.99 2.87 -11.00
C GLY A 13 7.47 4.01 -10.14
N ILE A 14 6.88 5.18 -10.43
CA ILE A 14 7.18 6.43 -9.73
C ILE A 14 5.86 6.98 -9.26
N PRO A 15 5.77 7.47 -8.02
CA PRO A 15 4.50 8.03 -7.57
C PRO A 15 4.13 9.32 -8.29
N VAL A 16 2.83 9.63 -8.36
CA VAL A 16 2.35 10.85 -9.01
C VAL A 16 2.68 12.12 -8.20
N THR A 17 3.01 11.95 -6.94
CA THR A 17 3.29 13.00 -6.00
C THR A 17 4.17 12.47 -4.91
N LEU A 18 4.87 13.38 -4.22
CA LEU A 18 5.69 13.02 -3.07
C LEU A 18 5.08 13.51 -1.75
N GLU A 19 3.79 13.94 -1.77
CA GLU A 19 3.05 14.25 -0.53
C GLU A 19 2.87 12.87 0.11
N PRO A 20 3.26 12.66 1.38
CA PRO A 20 3.42 11.29 1.85
C PRO A 20 2.18 10.39 1.87
N ILE A 21 1.00 10.97 2.12
CA ILE A 21 -0.21 10.14 2.12
C ILE A 21 -0.66 9.91 0.67
N ASN A 22 -0.71 10.94 -0.19
CA ASN A 22 -1.13 10.75 -1.56
C ASN A 22 -0.15 9.85 -2.34
N ALA A 23 1.09 9.67 -1.83
CA ALA A 23 2.08 8.79 -2.43
C ALA A 23 1.90 7.34 -2.02
N ILE A 24 0.98 7.02 -1.06
CA ILE A 24 0.75 5.64 -0.63
C ILE A 24 0.40 4.76 -1.83
N SER A 25 1.21 3.75 -2.03
CA SER A 25 1.18 2.92 -3.19
C SER A 25 2.34 1.90 -3.07
N ASN A 26 2.50 1.02 -4.06
CA ASN A 26 3.62 0.10 -4.02
C ASN A 26 4.97 0.84 -4.28
N VAL A 27 4.95 2.04 -4.90
CA VAL A 27 6.15 2.70 -5.39
C VAL A 27 6.53 4.00 -4.69
N GLY A 28 5.58 4.59 -3.98
CA GLY A 28 5.84 5.85 -3.27
C GLY A 28 6.63 5.73 -1.98
N PRO A 29 6.23 4.82 -1.08
CA PRO A 29 6.89 4.74 0.23
C PRO A 29 8.41 4.57 0.17
N ARG A 30 8.95 3.82 -0.81
CA ARG A 30 10.41 3.63 -0.87
C ARG A 30 11.14 4.97 -1.01
N ILE A 31 10.47 5.98 -1.61
CA ILE A 31 11.03 7.32 -1.78
C ILE A 31 10.66 8.16 -0.55
N VAL A 32 9.36 8.30 -0.22
CA VAL A 32 8.97 9.22 0.85
C VAL A 32 9.52 8.76 2.20
N ASN A 33 9.82 7.45 2.42
CA ASN A 33 10.42 7.01 3.67
C ASN A 33 11.80 7.61 3.91
N GLN A 34 12.47 8.07 2.83
CA GLN A 34 13.79 8.68 3.00
C GLN A 34 13.70 10.19 3.22
N ILE A 35 12.62 10.82 2.78
CA ILE A 35 12.43 12.26 2.89
C ILE A 35 11.82 12.62 4.23
N PHE A 36 10.92 11.78 4.76
CA PHE A 36 10.17 12.10 5.96
C PHE A 36 10.47 11.09 7.05
N ASP A 37 10.18 11.50 8.28
CA ASP A 37 10.23 10.60 9.45
C ASP A 37 8.82 10.50 10.08
N THR A 38 8.67 9.47 10.94
CA THR A 38 7.49 9.26 11.78
C THR A 38 7.85 9.48 13.28
N LEU A 39 6.81 9.60 14.12
CA LEU A 39 7.04 9.72 15.53
C LEU A 39 7.68 8.47 16.13
N VAL A 40 7.24 7.32 15.69
CA VAL A 40 7.74 6.03 16.17
C VAL A 40 7.93 5.13 14.97
N VAL A 41 8.72 4.08 15.15
CA VAL A 41 8.97 3.14 14.08
C VAL A 41 8.78 1.71 14.62
N ARG A 42 8.43 0.81 13.71
CA ARG A 42 8.33 -0.59 14.06
C ARG A 42 9.72 -1.17 14.14
N ASP A 43 9.91 -2.11 15.08
CA ASP A 43 11.13 -2.91 15.12
C ASP A 43 10.75 -4.14 14.36
N PHE A 44 11.24 -4.23 13.13
CA PHE A 44 10.90 -5.31 12.23
C PHE A 44 11.41 -6.68 12.67
N PHE A 45 12.29 -6.74 13.64
CA PHE A 45 12.88 -8.00 14.11
C PHE A 45 12.59 -8.24 15.58
N SER A 46 11.53 -7.60 16.13
CA SER A 46 11.16 -7.83 17.53
C SER A 46 10.42 -9.12 17.68
N ASN A 47 10.50 -9.67 18.87
CA ASN A 47 9.82 -10.94 19.18
C ASN A 47 10.21 -12.08 18.20
N GLY A 48 11.47 -12.11 17.74
CA GLY A 48 11.97 -13.13 16.83
C GLY A 48 11.42 -13.09 15.43
N ALA A 49 10.76 -12.00 15.05
CA ALA A 49 10.10 -11.90 13.77
C ALA A 49 11.10 -11.77 12.62
N PRO A 50 10.91 -12.48 11.50
CA PRO A 50 11.86 -12.36 10.37
C PRO A 50 11.62 -11.15 9.44
N GLY A 51 11.55 -9.94 9.99
CA GLY A 51 11.41 -8.73 9.19
C GLY A 51 10.03 -8.10 9.20
N ASN A 52 9.05 -8.74 9.84
CA ASN A 52 7.67 -8.24 9.94
C ASN A 52 7.23 -8.04 11.42
N GLY A 53 8.19 -7.67 12.27
CA GLY A 53 7.97 -7.44 13.69
C GLY A 53 7.19 -6.16 13.93
N ILE A 54 6.62 -6.02 15.12
CA ILE A 54 5.69 -4.94 15.41
C ILE A 54 5.93 -4.11 16.68
N ASN A 55 6.94 -4.44 17.55
CA ASN A 55 7.20 -3.61 18.73
C ASN A 55 7.57 -2.21 18.28
N LEU A 56 7.12 -1.17 19.00
CA LEU A 56 7.36 0.21 18.61
C LEU A 56 8.53 0.83 19.34
N MET A 57 9.35 1.57 18.57
N MET A 57 9.32 1.60 18.59
CA MET A 57 10.56 2.21 19.04
CA MET A 57 10.52 2.21 19.09
C MET A 57 10.52 3.71 18.78
C MET A 57 10.53 3.71 18.78
N PRO A 58 11.28 4.50 19.56
CA PRO A 58 11.31 5.95 19.30
C PRO A 58 11.87 6.33 17.97
N SER A 59 11.40 7.50 17.49
CA SER A 59 11.94 8.09 16.28
C SER A 59 11.87 9.61 16.46
N LEU A 60 10.95 10.34 15.80
CA LEU A 60 10.85 11.78 16.10
C LEU A 60 10.34 12.01 17.52
N ALA A 61 9.56 11.06 18.07
CA ALA A 61 9.15 11.07 19.48
C ALA A 61 10.20 10.28 20.24
N GLU A 62 10.81 10.90 21.23
CA GLU A 62 11.77 10.24 22.11
C GLU A 62 11.05 9.31 23.12
N SER A 63 9.80 9.65 23.47
CA SER A 63 9.02 8.83 24.37
C SER A 63 7.56 9.14 24.17
N TRP A 64 6.72 8.26 24.67
CA TRP A 64 5.28 8.45 24.56
C TRP A 64 4.55 7.66 25.61
N GLU A 65 3.38 8.15 25.99
CA GLU A 65 2.60 7.53 27.06
C GLU A 65 1.14 7.55 26.66
N ARG A 66 0.48 6.39 26.64
CA ARG A 66 -0.95 6.35 26.46
C ARG A 66 -1.58 6.85 27.77
N ILE A 67 -2.41 7.91 27.71
CA ILE A 67 -3.02 8.48 28.91
C ILE A 67 -4.37 7.81 29.22
N ASP A 68 -5.15 7.59 28.17
CA ASP A 68 -6.44 6.93 28.28
C ASP A 68 -6.81 6.29 26.97
N ASP A 69 -8.01 5.69 26.88
CA ASP A 69 -8.37 4.99 25.68
C ASP A 69 -8.55 5.88 24.44
N LYS A 70 -8.38 7.18 24.57
CA LYS A 70 -8.49 8.11 23.45
C LYS A 70 -7.30 8.99 23.24
N SER A 71 -6.27 8.96 24.09
CA SER A 71 -5.24 9.98 24.07
C SER A 71 -3.85 9.43 24.31
N VAL A 72 -2.87 9.86 23.49
CA VAL A 72 -1.49 9.46 23.62
C VAL A 72 -0.64 10.67 23.58
N ARG A 73 0.21 10.87 24.60
CA ARG A 73 1.13 12.01 24.67
C ARG A 73 2.49 11.61 24.08
N PHE A 74 3.03 12.40 23.15
CA PHE A 74 4.33 12.17 22.56
C PHE A 74 5.24 13.28 22.99
N LYS A 75 6.44 12.91 23.49
CA LYS A 75 7.48 13.87 23.83
C LYS A 75 8.44 13.84 22.64
N LEU A 76 8.65 15.00 22.02
CA LEU A 76 9.40 15.08 20.81
C LEU A 76 10.85 15.35 21.01
N ARG A 77 11.69 14.81 20.10
CA ARG A 77 13.10 15.17 20.06
C ARG A 77 13.21 16.67 19.80
N GLN A 78 14.25 17.30 20.36
CA GLN A 78 14.47 18.72 20.26
C GLN A 78 15.55 19.02 19.22
N LYS A 79 15.47 20.18 18.59
CA LYS A 79 16.45 20.65 17.61
C LYS A 79 16.47 19.79 16.33
N VAL A 80 15.33 19.13 16.04
CA VAL A 80 15.20 18.38 14.78
C VAL A 80 14.92 19.45 13.74
N MET A 81 15.63 19.40 12.62
CA MET A 81 15.45 20.40 11.57
C MET A 81 14.77 19.85 10.34
N PHE A 82 13.77 20.58 9.82
CA PHE A 82 13.24 20.29 8.50
C PHE A 82 14.36 20.69 7.47
N HIS A 83 14.28 20.20 6.27
CA HIS A 83 15.32 20.42 5.26
C HIS A 83 15.55 21.90 4.93
N ASP A 84 14.55 22.76 5.19
CA ASP A 84 14.69 24.21 4.94
C ASP A 84 15.24 24.99 6.14
N GLY A 85 15.64 24.29 7.22
CA GLY A 85 16.23 24.95 8.39
C GLY A 85 15.25 25.33 9.46
N VAL A 86 13.96 25.02 9.30
CA VAL A 86 12.97 25.31 10.32
C VAL A 86 12.97 24.15 11.33
N GLU A 87 12.93 24.46 12.63
CA GLU A 87 12.92 23.44 13.66
C GLU A 87 11.53 22.79 13.70
N MET A 88 11.49 21.47 13.82
CA MET A 88 10.24 20.76 14.01
C MET A 88 9.77 20.95 15.43
N THR A 89 8.47 21.20 15.59
CA THR A 89 7.89 21.35 16.94
C THR A 89 6.57 20.63 16.98
N ALA A 90 5.94 20.59 18.17
CA ALA A 90 4.63 19.99 18.33
C ALA A 90 3.61 20.59 17.37
N ASP A 91 3.77 21.88 16.97
CA ASP A 91 2.82 22.48 16.01
C ASP A 91 2.79 21.71 14.69
N ASP A 92 3.94 21.24 14.25
CA ASP A 92 4.02 20.49 12.99
C ASP A 92 3.34 19.17 13.12
N VAL A 93 3.60 18.48 14.23
CA VAL A 93 2.99 17.17 14.45
C VAL A 93 1.47 17.35 14.58
N ALA A 94 1.03 18.35 15.32
CA ALA A 94 -0.41 18.64 15.46
C ALA A 94 -1.04 18.88 14.08
N TYR A 95 -0.37 19.67 13.23
CA TYR A 95 -0.91 19.97 11.91
C TYR A 95 -1.01 18.71 11.07
N THR A 96 0.01 17.87 11.14
CA THR A 96 0.00 16.62 10.38
C THR A 96 -1.27 15.79 10.58
N PHE A 97 -1.75 15.79 11.81
CA PHE A 97 -2.95 14.99 12.13
C PHE A 97 -4.19 15.86 12.42
N SER A 98 -4.20 17.07 11.86
CA SER A 98 -5.29 18.00 12.05
C SER A 98 -6.48 17.78 11.13
N SER A 99 -7.62 18.35 11.53
CA SER A 99 -8.80 18.37 10.67
C SER A 99 -8.47 19.12 9.38
N GLU A 100 -7.74 20.22 9.52
CA GLU A 100 -7.46 21.08 8.38
C GLU A 100 -6.67 20.38 7.29
N ARG A 101 -5.66 19.61 7.69
CA ARG A 101 -4.79 18.93 6.73
C ARG A 101 -5.23 17.53 6.35
N LEU A 102 -5.71 16.75 7.33
CA LEU A 102 -5.93 15.32 7.11
C LEU A 102 -7.38 14.82 7.04
N TRP A 103 -8.17 15.01 8.11
CA TRP A 103 -9.43 14.28 8.23
C TRP A 103 -10.71 15.10 8.19
N GLY A 104 -10.59 16.41 8.04
CA GLY A 104 -11.77 17.26 7.92
C GLY A 104 -12.35 17.19 6.52
N PRO A 105 -13.55 17.76 6.34
CA PRO A 105 -14.19 17.70 5.01
C PRO A 105 -13.42 18.30 3.85
N ASP A 106 -12.78 19.46 4.03
CA ASP A 106 -11.99 20.07 2.94
C ASP A 106 -10.71 19.28 2.66
N ALA A 107 -10.09 18.78 3.73
CA ALA A 107 -8.86 18.01 3.61
C ALA A 107 -9.08 16.75 2.79
N ILE A 108 -10.23 16.08 2.98
CA ILE A 108 -10.46 14.82 2.28
C ILE A 108 -10.66 15.04 0.77
N LYS A 109 -10.93 16.28 0.32
CA LYS A 109 -11.04 16.57 -1.10
C LYS A 109 -9.67 16.53 -1.81
N VAL A 110 -8.58 16.84 -1.08
CA VAL A 110 -7.21 16.87 -1.63
C VAL A 110 -6.35 15.68 -1.17
N ILE A 111 -6.75 14.99 -0.08
CA ILE A 111 -6.12 13.77 0.42
C ILE A 111 -7.27 12.77 0.61
N PRO A 112 -7.69 12.06 -0.44
CA PRO A 112 -8.84 11.15 -0.28
C PRO A 112 -8.66 10.08 0.80
N LEU A 113 -7.42 9.62 1.04
CA LEU A 113 -7.18 8.65 2.11
C LEU A 113 -7.41 9.21 3.50
N GLY A 114 -7.44 10.54 3.65
CA GLY A 114 -7.76 11.11 4.95
C GLY A 114 -9.20 10.83 5.39
N GLY A 115 -10.05 10.42 4.47
CA GLY A 115 -11.44 10.10 4.77
C GLY A 115 -11.70 8.63 5.04
N SER A 116 -10.76 7.75 4.67
CA SER A 116 -10.90 6.29 4.81
C SER A 116 -9.79 5.62 5.65
N TYR A 117 -8.57 6.13 5.52
CA TYR A 117 -7.41 5.62 6.26
C TYR A 117 -7.16 6.34 7.57
N ALA A 118 -7.93 7.39 7.91
CA ALA A 118 -7.73 8.09 9.16
C ALA A 118 -8.37 7.30 10.26
N LEU A 119 -7.80 7.38 11.47
CA LEU A 119 -8.50 6.91 12.64
C LEU A 119 -9.57 8.00 12.92
N ASP A 120 -10.43 7.77 13.89
CA ASP A 120 -11.49 8.73 14.24
C ASP A 120 -10.85 9.81 15.10
N PHE A 121 -9.96 10.60 14.49
CA PHE A 121 -9.23 11.62 15.22
C PHE A 121 -10.09 12.78 15.70
N ASP A 122 -9.71 13.33 16.83
CA ASP A 122 -10.11 14.63 17.28
C ASP A 122 -8.85 15.53 17.07
N GLU A 123 -8.98 16.81 17.31
N GLU A 123 -8.96 16.82 17.33
CA GLU A 123 -7.88 17.73 17.05
CA GLU A 123 -7.86 17.73 17.06
C GLU A 123 -6.72 17.50 18.01
C GLU A 123 -6.72 17.48 18.01
N PRO A 124 -5.47 17.36 17.53
CA PRO A 124 -4.35 17.21 18.47
C PRO A 124 -4.22 18.41 19.39
N VAL A 125 -3.63 18.19 20.55
CA VAL A 125 -3.37 19.25 21.50
C VAL A 125 -1.88 19.44 21.66
N VAL A 126 -1.44 20.69 21.55
CA VAL A 126 -0.03 21.05 21.80
C VAL A 126 0.05 21.50 23.25
N GLU A 127 0.81 20.79 24.09
CA GLU A 127 0.99 21.19 25.49
C GLU A 127 2.14 22.14 25.65
N ASP A 128 3.22 21.93 24.90
CA ASP A 128 4.36 22.82 24.85
C ASP A 128 5.12 22.57 23.54
N LYS A 129 6.23 23.28 23.32
CA LYS A 129 6.95 23.22 22.06
C LYS A 129 7.28 21.80 21.62
N TYR A 130 7.57 20.92 22.59
CA TYR A 130 7.98 19.54 22.29
C TYR A 130 7.04 18.48 22.82
N THR A 131 5.77 18.83 23.06
CA THR A 131 4.83 17.84 23.60
C THR A 131 3.50 17.97 22.92
N VAL A 132 3.00 16.87 22.35
CA VAL A 132 1.74 16.85 21.62
C VAL A 132 0.94 15.65 22.03
N VAL A 133 -0.36 15.82 22.10
CA VAL A 133 -1.27 14.75 22.43
C VAL A 133 -2.12 14.48 21.22
N ILE A 134 -2.09 13.22 20.77
CA ILE A 134 -2.86 12.75 19.65
C ILE A 134 -4.09 12.12 20.26
N ARG A 135 -5.26 12.54 19.77
CA ARG A 135 -6.56 12.20 20.33
C ARG A 135 -7.47 11.57 19.33
N THR A 136 -8.35 10.68 19.82
CA THR A 136 -9.42 10.13 19.03
C THR A 136 -10.76 10.42 19.70
N LYS A 137 -11.80 10.63 18.90
CA LYS A 137 -13.13 10.95 19.45
C LYS A 137 -13.76 9.74 20.14
N THR A 138 -13.40 8.53 19.67
CA THR A 138 -13.86 7.28 20.23
C THR A 138 -12.63 6.44 20.60
N PRO A 139 -12.79 5.48 21.51
CA PRO A 139 -11.63 4.68 21.90
C PRO A 139 -11.01 3.88 20.75
N THR A 140 -9.68 3.79 20.75
CA THR A 140 -8.99 2.91 19.82
C THR A 140 -7.64 2.55 20.37
N PRO A 141 -7.23 1.28 20.25
CA PRO A 141 -5.86 0.92 20.69
C PRO A 141 -4.80 1.14 19.62
N LEU A 142 -5.21 1.56 18.42
CA LEU A 142 -4.31 1.58 17.28
C LEU A 142 -3.47 2.80 17.10
N THR A 143 -3.65 3.83 17.93
CA THR A 143 -2.97 5.09 17.72
C THR A 143 -1.46 4.99 17.56
N GLU A 144 -0.83 4.31 18.53
CA GLU A 144 0.63 4.24 18.56
C GLU A 144 1.16 3.53 17.30
N SER A 145 0.57 2.37 16.96
CA SER A 145 1.04 1.66 15.74
C SER A 145 0.75 2.45 14.46
N TYR A 146 -0.39 3.20 14.46
CA TYR A 146 -0.73 4.05 13.32
C TYR A 146 0.36 5.11 13.10
N MET A 147 0.96 5.61 14.18
CA MET A 147 1.99 6.62 14.03
C MET A 147 3.28 6.08 13.42
N ALA A 148 3.46 4.78 13.38
CA ALA A 148 4.62 4.14 12.72
C ALA A 148 4.32 3.82 11.25
N SER A 149 3.05 3.96 10.82
CA SER A 149 2.60 3.60 9.52
C SER A 149 2.87 4.67 8.49
N TRP A 150 2.55 4.32 7.23
CA TRP A 150 2.64 5.26 6.13
C TRP A 150 1.68 6.44 6.20
N MET A 151 0.76 6.45 7.20
CA MET A 151 -0.09 7.62 7.42
C MET A 151 0.60 8.60 8.38
N GLY A 152 1.72 8.22 9.02
CA GLY A 152 2.29 9.03 10.08
C GLY A 152 3.44 9.97 9.80
N ARG A 153 3.80 10.13 8.54
CA ARG A 153 4.98 10.93 8.19
C ARG A 153 4.68 12.39 8.50
N ILE A 154 5.61 13.03 9.17
CA ILE A 154 5.44 14.40 9.69
C ILE A 154 5.82 15.44 8.64
N VAL A 155 4.90 16.39 8.42
CA VAL A 155 5.09 17.46 7.46
C VAL A 155 5.22 18.78 8.22
N PRO A 156 5.91 19.73 7.56
CA PRO A 156 6.14 21.07 8.16
C PRO A 156 4.89 21.91 7.98
N LYS A 157 4.31 22.37 9.10
CA LYS A 157 3.08 23.11 9.05
C LYS A 157 3.17 24.36 8.16
N ALA A 158 4.07 25.30 8.48
CA ALA A 158 4.03 26.57 7.78
C ALA A 158 4.21 26.41 6.27
N TYR A 159 5.21 25.62 5.89
CA TYR A 159 5.54 25.43 4.49
C TYR A 159 4.46 24.65 3.76
N TYR A 160 3.97 23.59 4.36
CA TYR A 160 2.93 22.77 3.75
C TYR A 160 1.65 23.58 3.59
N LYS A 161 1.27 24.32 4.64
CA LYS A 161 0.01 25.05 4.58
C LYS A 161 0.07 26.15 3.53
N THR A 162 1.26 26.78 3.39
CA THR A 162 1.41 27.85 2.43
C THR A 162 1.23 27.32 1.01
N LEU A 163 1.87 26.18 0.73
CA LEU A 163 1.83 25.61 -0.63
C LEU A 163 0.52 24.89 -0.93
N GLY A 164 -0.02 24.21 0.06
CA GLY A 164 -1.17 23.35 -0.14
C GLY A 164 -0.66 21.96 -0.50
N THR A 165 -1.47 20.96 -0.25
CA THR A 165 -1.17 19.55 -0.46
C THR A 165 -0.58 19.26 -1.85
N ALA A 166 -1.25 19.69 -2.94
CA ALA A 166 -0.78 19.35 -4.28
C ALA A 166 0.60 19.93 -4.61
N ALA A 167 0.80 21.23 -4.36
CA ALA A 167 2.08 21.86 -4.66
C ALA A 167 3.18 21.36 -3.74
N PHE A 168 2.85 21.11 -2.46
CA PHE A 168 3.84 20.54 -1.54
C PHE A 168 4.39 19.22 -2.10
N GLY A 169 3.48 18.44 -2.68
CA GLY A 169 3.83 17.15 -3.25
C GLY A 169 4.86 17.22 -4.38
N ASN A 170 5.02 18.38 -4.99
CA ASN A 170 6.02 18.57 -6.03
C ASN A 170 7.32 19.13 -5.49
N LYS A 171 7.34 19.63 -4.24
CA LYS A 171 8.55 20.17 -3.66
C LYS A 171 8.55 19.86 -2.18
N PRO A 172 8.61 18.57 -1.83
CA PRO A 172 8.48 18.20 -0.41
C PRO A 172 9.63 18.59 0.48
N VAL A 173 9.29 18.94 1.73
CA VAL A 173 10.23 19.25 2.77
C VAL A 173 9.86 18.38 3.95
N GLY A 174 10.86 17.64 4.46
CA GLY A 174 10.67 16.76 5.59
C GLY A 174 11.84 16.85 6.54
N THR A 175 11.88 15.90 7.49
CA THR A 175 12.99 15.83 8.46
C THR A 175 13.90 14.61 8.18
N GLY A 176 13.63 13.84 7.17
CA GLY A 176 14.33 12.60 6.90
C GLY A 176 15.76 12.75 6.45
N PRO A 177 16.43 11.60 6.34
CA PRO A 177 17.87 11.61 6.03
C PRO A 177 18.26 12.04 4.64
N TYR A 178 17.30 12.10 3.69
CA TYR A 178 17.58 12.60 2.34
C TYR A 178 16.60 13.71 2.04
N LYS A 179 17.06 14.72 1.31
CA LYS A 179 16.27 15.88 0.94
C LYS A 179 15.99 15.89 -0.52
N PHE A 180 14.87 16.51 -0.86
CA PHE A 180 14.42 16.53 -2.23
C PHE A 180 15.34 17.31 -3.14
N VAL A 181 15.56 16.78 -4.36
CA VAL A 181 16.33 17.47 -5.39
C VAL A 181 15.46 17.68 -6.63
N GLU A 182 14.93 16.60 -7.23
CA GLU A 182 14.22 16.67 -8.49
C GLU A 182 13.15 15.63 -8.60
N PHE A 183 12.08 15.96 -9.36
CA PHE A 183 10.98 15.08 -9.65
C PHE A 183 10.54 15.32 -11.08
N VAL A 184 10.69 14.29 -11.93
CA VAL A 184 10.24 14.34 -13.31
C VAL A 184 9.13 13.30 -13.37
N ALA A 185 7.89 13.75 -13.61
CA ALA A 185 6.73 12.88 -13.64
C ALA A 185 6.91 11.64 -14.50
N ASN A 186 6.56 10.47 -13.95
CA ASN A 186 6.64 9.19 -14.66
C ASN A 186 8.04 8.90 -15.18
N ASP A 187 9.08 9.42 -14.51
CA ASP A 187 10.45 9.21 -14.97
C ASP A 187 11.44 9.02 -13.81
N ARG A 188 11.61 10.04 -12.94
CA ARG A 188 12.59 9.92 -11.87
C ARG A 188 12.38 10.82 -10.72
N VAL A 189 12.98 10.41 -9.60
CA VAL A 189 13.06 11.22 -8.42
C VAL A 189 14.50 11.18 -7.96
N VAL A 190 15.05 12.36 -7.60
CA VAL A 190 16.41 12.45 -7.07
C VAL A 190 16.34 13.07 -5.70
N ILE A 191 17.01 12.44 -4.72
CA ILE A 191 17.15 12.97 -3.38
C ILE A 191 18.64 12.89 -2.98
N GLU A 192 19.05 13.76 -2.07
CA GLU A 192 20.42 13.89 -1.65
C GLU A 192 20.57 13.80 -0.18
N ALA A 193 21.78 13.41 0.27
CA ALA A 193 22.05 13.27 1.68
C ALA A 193 21.77 14.54 2.48
N ASN A 194 21.06 14.38 3.59
CA ASN A 194 20.81 15.46 4.55
C ASN A 194 21.73 15.25 5.73
N ASP A 195 22.92 15.90 5.69
CA ASP A 195 23.86 15.71 6.82
C ASP A 195 23.45 16.45 8.07
N ALA A 196 22.37 17.24 8.03
CA ALA A 196 21.82 17.86 9.23
C ALA A 196 20.82 16.89 9.91
N TYR A 197 20.71 15.65 9.43
CA TYR A 197 19.79 14.68 9.99
C TYR A 197 20.02 14.48 11.47
N TRP A 198 18.93 14.29 12.22
CA TRP A 198 19.02 14.10 13.67
C TRP A 198 19.53 12.73 14.06
N GLY A 199 19.36 11.75 13.19
CA GLY A 199 19.71 10.36 13.42
C GLY A 199 21.03 10.00 12.80
N LEU A 200 21.20 8.74 12.44
CA LEU A 200 22.45 8.29 11.84
C LEU A 200 22.72 9.02 10.55
N LYS A 201 23.97 9.36 10.32
CA LYS A 201 24.34 10.08 9.13
C LYS A 201 24.02 9.26 7.88
N PRO A 202 23.44 9.88 6.83
CA PRO A 202 23.13 9.12 5.63
C PRO A 202 24.42 8.51 5.04
N THR A 203 24.32 7.30 4.51
CA THR A 203 25.48 6.58 3.99
C THR A 203 25.62 6.62 2.47
N ALA A 204 24.64 7.19 1.76
CA ALA A 204 24.75 7.44 0.34
C ALA A 204 24.76 8.94 0.11
N SER A 205 25.45 9.39 -0.95
CA SER A 205 25.48 10.85 -1.21
C SER A 205 24.21 11.32 -1.86
N LYS A 206 23.63 10.48 -2.70
CA LYS A 206 22.43 10.79 -3.46
C LYS A 206 21.77 9.52 -3.86
N ILE A 207 20.46 9.58 -4.12
CA ILE A 207 19.69 8.45 -4.58
C ILE A 207 18.82 8.88 -5.73
N THR A 208 18.93 8.15 -6.85
CA THR A 208 18.07 8.40 -8.00
C THR A 208 17.17 7.21 -8.18
N TYR A 209 15.87 7.41 -8.15
CA TYR A 209 14.87 6.39 -8.46
C TYR A 209 14.48 6.62 -9.91
N GLN A 210 14.82 5.68 -10.82
CA GLN A 210 14.54 5.82 -12.25
C GLN A 210 13.53 4.79 -12.68
N LEU A 211 12.44 5.21 -13.35
CA LEU A 211 11.44 4.27 -13.82
C LEU A 211 12.02 3.46 -14.97
N VAL A 212 11.98 2.13 -14.83
CA VAL A 212 12.38 1.18 -15.89
C VAL A 212 11.20 0.22 -15.91
N ALA A 213 10.28 0.46 -16.86
CA ALA A 213 8.99 -0.21 -16.81
C ALA A 213 9.04 -1.71 -16.99
N GLU A 214 9.89 -2.20 -17.90
CA GLU A 214 9.95 -3.64 -18.16
C GLU A 214 10.96 -4.33 -17.22
N PRO A 215 10.60 -5.43 -16.55
CA PRO A 215 11.56 -6.06 -15.62
C PRO A 215 12.82 -6.59 -16.28
N ALA A 216 12.75 -7.11 -17.52
CA ALA A 216 13.97 -7.60 -18.18
C ALA A 216 14.98 -6.48 -18.44
N THR A 217 14.48 -5.24 -18.60
CA THR A 217 15.36 -4.08 -18.78
C THR A 217 16.01 -3.72 -17.45
N ARG A 218 15.26 -3.88 -16.33
CA ARG A 218 15.83 -3.67 -15.00
C ARG A 218 16.91 -4.69 -14.72
N VAL A 219 16.64 -5.95 -15.02
CA VAL A 219 17.64 -7.02 -14.81
C VAL A 219 18.92 -6.70 -15.63
N ALA A 220 18.73 -6.32 -16.90
CA ALA A 220 19.85 -5.95 -17.78
C ALA A 220 20.63 -4.75 -17.29
N GLY A 221 19.94 -3.76 -16.72
CA GLY A 221 20.59 -2.58 -16.18
C GLY A 221 21.42 -2.91 -14.94
N LEU A 222 20.96 -3.87 -14.12
CA LEU A 222 21.73 -4.29 -12.96
C LEU A 222 22.99 -5.04 -13.47
N ILE A 223 22.81 -5.91 -14.45
CA ILE A 223 23.94 -6.67 -15.00
C ILE A 223 25.00 -5.74 -15.65
N SER A 224 24.57 -4.67 -16.34
CA SER A 224 25.50 -3.74 -16.96
C SER A 224 26.16 -2.70 -16.03
N GLY A 225 25.69 -2.59 -14.79
CA GLY A 225 26.23 -1.60 -13.87
C GLY A 225 25.57 -0.24 -13.92
N GLU A 226 24.53 -0.08 -14.75
CA GLU A 226 23.78 1.16 -14.83
C GLU A 226 23.00 1.38 -13.55
N TYR A 227 22.46 0.29 -12.95
CA TYR A 227 21.75 0.39 -11.69
C TYR A 227 22.46 -0.38 -10.62
N ASP A 228 22.45 0.17 -9.42
CA ASP A 228 23.00 -0.45 -8.23
C ASP A 228 22.01 -1.43 -7.60
N ILE A 229 20.71 -1.10 -7.69
CA ILE A 229 19.60 -1.85 -7.13
C ILE A 229 18.43 -1.79 -8.09
N VAL A 230 17.66 -2.87 -8.20
CA VAL A 230 16.43 -2.90 -8.99
C VAL A 230 15.33 -3.57 -8.18
N THR A 231 14.08 -3.11 -8.39
CA THR A 231 12.94 -3.64 -7.66
C THR A 231 12.00 -4.46 -8.54
N THR A 232 11.05 -5.13 -7.85
CA THR A 232 9.87 -5.73 -8.39
C THR A 232 10.15 -6.79 -9.43
N LEU A 233 11.05 -7.68 -9.08
CA LEU A 233 11.35 -8.80 -9.94
C LEU A 233 10.54 -10.01 -9.46
N THR A 234 10.66 -11.14 -10.15
CA THR A 234 9.97 -12.35 -9.75
C THR A 234 10.96 -13.48 -9.45
N PRO A 235 10.51 -14.60 -8.81
CA PRO A 235 11.45 -15.72 -8.57
C PRO A 235 12.17 -16.21 -9.82
N ASP A 236 11.52 -16.12 -10.99
CA ASP A 236 12.12 -16.58 -12.25
C ASP A 236 13.43 -15.85 -12.57
N ASP A 237 13.63 -14.60 -12.08
CA ASP A 237 14.84 -13.85 -12.37
C ASP A 237 16.02 -14.22 -11.48
N MET A 238 15.79 -14.96 -10.39
CA MET A 238 16.80 -15.16 -9.38
C MET A 238 17.99 -15.98 -9.85
N ALA A 239 17.76 -17.08 -10.57
CA ALA A 239 18.90 -17.92 -11.00
C ALA A 239 19.91 -17.15 -11.86
N LEU A 240 19.45 -16.37 -12.83
CA LEU A 240 20.35 -15.61 -13.69
C LEU A 240 21.12 -14.57 -12.87
N ILE A 241 20.43 -13.80 -12.03
CA ILE A 241 21.12 -12.75 -11.28
C ILE A 241 22.16 -13.33 -10.32
N ASN A 242 21.77 -14.34 -9.55
CA ASN A 242 22.69 -14.96 -8.59
C ASN A 242 23.87 -15.66 -9.24
N SER A 243 23.81 -15.93 -10.55
CA SER A 243 24.94 -16.53 -11.28
C SER A 243 26.10 -15.53 -11.49
N TYR A 244 25.87 -14.21 -11.23
CA TYR A 244 26.87 -13.14 -11.30
C TYR A 244 27.43 -12.99 -9.89
N PRO A 245 28.73 -13.24 -9.69
CA PRO A 245 29.24 -13.23 -8.31
C PRO A 245 29.18 -11.89 -7.62
N ASP A 246 29.06 -10.79 -8.35
CA ASP A 246 28.97 -9.48 -7.72
C ASP A 246 27.53 -9.02 -7.48
N LEU A 247 26.52 -9.85 -7.85
CA LEU A 247 25.12 -9.47 -7.66
C LEU A 247 24.42 -10.46 -6.74
N GLU A 248 23.28 -10.07 -6.22
CA GLU A 248 22.45 -10.98 -5.43
C GLU A 248 21.00 -10.52 -5.45
N THR A 249 20.11 -11.47 -5.11
CA THR A 249 18.69 -11.23 -4.99
C THR A 249 18.23 -11.51 -3.57
N ARG A 250 17.13 -10.88 -3.20
CA ARG A 250 16.47 -11.09 -1.93
C ARG A 250 15.00 -11.21 -2.25
N GLY A 251 14.35 -12.23 -1.74
CA GLY A 251 12.91 -12.41 -1.93
C GLY A 251 12.20 -12.72 -0.64
N ASN A 252 10.93 -12.30 -0.56
CA ASN A 252 10.10 -12.67 0.58
C ASN A 252 8.64 -12.41 0.29
N ILE A 253 7.78 -13.12 1.01
CA ILE A 253 6.35 -12.88 0.93
C ILE A 253 6.09 -11.54 1.60
N VAL A 254 5.30 -10.71 0.94
CA VAL A 254 4.96 -9.40 1.45
C VAL A 254 3.53 -9.39 1.99
N GLU A 255 3.29 -8.48 2.95
CA GLU A 255 1.98 -8.34 3.58
C GLU A 255 1.17 -7.43 2.68
N ASN A 256 0.90 -7.94 1.50
CA ASN A 256 0.20 -7.25 0.43
C ASN A 256 -0.39 -8.31 -0.44
N PHE A 257 -1.58 -8.05 -1.02
CA PHE A 257 -2.15 -8.99 -1.96
C PHE A 257 -2.44 -8.32 -3.25
N HIS A 258 -2.16 -9.03 -4.34
CA HIS A 258 -2.55 -8.64 -5.68
C HIS A 258 -4.01 -9.04 -5.88
N MET A 259 -4.73 -8.25 -6.66
CA MET A 259 -6.11 -8.53 -6.99
C MET A 259 -6.45 -7.98 -8.37
N PHE A 260 -7.64 -8.36 -8.84
CA PHE A 260 -8.30 -7.65 -9.90
C PHE A 260 -9.61 -7.17 -9.33
N THR A 261 -10.12 -6.08 -9.90
CA THR A 261 -11.33 -5.46 -9.42
C THR A 261 -12.08 -4.84 -10.58
N PHE A 262 -13.24 -4.25 -10.26
CA PHE A 262 -14.22 -3.84 -11.22
C PHE A 262 -14.65 -2.41 -11.02
N ASN A 263 -15.09 -1.79 -12.10
CA ASN A 263 -15.71 -0.48 -12.04
C ASN A 263 -17.19 -0.86 -12.00
N MET A 264 -17.76 -0.84 -10.81
CA MET A 264 -19.14 -1.24 -10.60
C MET A 264 -20.15 -0.13 -10.94
N ASN A 265 -19.67 1.03 -11.48
CA ASN A 265 -20.53 2.03 -12.09
C ASN A 265 -20.92 1.53 -13.51
N GLN A 266 -20.14 0.60 -14.13
CA GLN A 266 -20.42 0.05 -15.44
C GLN A 266 -21.58 -0.94 -15.30
N PRO A 267 -22.61 -0.93 -16.19
CA PRO A 267 -23.71 -1.89 -16.01
C PRO A 267 -23.33 -3.34 -16.02
N VAL A 268 -22.29 -3.71 -16.79
CA VAL A 268 -21.83 -5.09 -16.83
C VAL A 268 -21.37 -5.56 -15.41
N PHE A 269 -20.93 -4.64 -14.54
CA PHE A 269 -20.49 -4.99 -13.18
C PHE A 269 -21.31 -4.34 -12.04
N GLN A 270 -22.50 -3.78 -12.32
CA GLN A 270 -23.29 -3.19 -11.23
C GLN A 270 -23.87 -4.26 -10.27
N SER A 271 -24.06 -5.51 -10.77
CA SER A 271 -24.58 -6.63 -10.00
C SER A 271 -23.47 -7.70 -9.81
N LYS A 272 -23.55 -8.45 -8.71
CA LYS A 272 -22.54 -9.46 -8.34
C LYS A 272 -22.40 -10.71 -9.23
N PRO A 273 -23.45 -11.25 -9.92
CA PRO A 273 -23.27 -12.52 -10.65
C PRO A 273 -22.05 -12.64 -11.59
N LEU A 274 -21.82 -11.68 -12.51
CA LEU A 274 -20.69 -11.79 -13.43
C LEU A 274 -19.37 -11.54 -12.72
N ARG A 275 -19.36 -10.67 -11.70
CA ARG A 275 -18.16 -10.44 -10.89
C ARG A 275 -17.75 -11.75 -10.18
N ARG A 276 -18.73 -12.43 -9.56
CA ARG A 276 -18.50 -13.69 -8.87
C ARG A 276 -18.15 -14.80 -9.86
N ALA A 277 -18.74 -14.80 -11.07
CA ALA A 277 -18.41 -15.80 -12.10
C ALA A 277 -16.91 -15.66 -12.48
N LEU A 278 -16.44 -14.41 -12.69
CA LEU A 278 -15.04 -14.19 -13.03
C LEU A 278 -14.13 -14.64 -11.90
N ALA A 279 -14.57 -14.40 -10.64
CA ALA A 279 -13.82 -14.79 -9.46
C ALA A 279 -13.72 -16.30 -9.31
N LEU A 280 -14.84 -17.02 -9.53
CA LEU A 280 -14.85 -18.46 -9.38
C LEU A 280 -14.10 -19.20 -10.48
N ALA A 281 -13.77 -18.53 -11.60
CA ALA A 281 -13.03 -19.16 -12.69
C ALA A 281 -11.51 -19.01 -12.58
N VAL A 282 -11.01 -18.36 -11.54
CA VAL A 282 -9.58 -18.13 -11.38
C VAL A 282 -8.96 -19.31 -10.69
N ASN A 283 -8.05 -20.00 -11.40
CA ASN A 283 -7.29 -21.14 -10.89
C ASN A 283 -5.98 -20.58 -10.32
N ARG A 284 -6.01 -20.13 -9.06
CA ARG A 284 -4.82 -19.51 -8.45
C ARG A 284 -3.62 -20.47 -8.34
N PRO A 285 -3.77 -21.74 -7.90
CA PRO A 285 -2.58 -22.62 -7.83
C PRO A 285 -1.87 -22.74 -9.18
N LEU A 286 -2.61 -22.73 -10.31
CA LEU A 286 -1.99 -22.86 -11.62
C LEU A 286 -1.16 -21.62 -11.97
N ILE A 287 -1.68 -20.44 -11.61
CA ILE A 287 -0.96 -19.19 -11.89
C ILE A 287 0.30 -19.14 -11.05
N VAL A 288 0.20 -19.52 -9.78
CA VAL A 288 1.32 -19.52 -8.84
C VAL A 288 2.38 -20.52 -9.28
N GLN A 289 1.95 -21.70 -9.71
CA GLN A 289 2.88 -22.73 -10.22
C GLN A 289 3.59 -22.31 -11.53
N SER A 290 2.86 -21.68 -12.46
N SER A 290 2.87 -21.68 -12.45
CA SER A 290 3.42 -21.28 -13.76
CA SER A 290 3.40 -21.28 -13.76
C SER A 290 4.32 -20.06 -13.70
C SER A 290 4.30 -20.05 -13.73
N LEU A 291 3.90 -19.01 -12.99
CA LEU A 291 4.59 -17.74 -13.00
C LEU A 291 5.35 -17.36 -11.79
N TRP A 292 5.16 -18.03 -10.66
CA TRP A 292 5.81 -17.64 -9.42
C TRP A 292 6.67 -18.73 -8.80
N MET A 293 7.01 -19.80 -9.54
CA MET A 293 7.82 -20.92 -9.00
C MET A 293 7.24 -21.47 -7.70
N ASN A 294 5.90 -21.42 -7.56
CA ASN A 294 5.20 -21.86 -6.37
C ASN A 294 5.62 -21.14 -5.09
N LYS A 295 6.12 -19.90 -5.21
CA LYS A 295 6.59 -19.12 -4.07
C LYS A 295 5.58 -18.07 -3.59
N ALA A 296 4.66 -17.62 -4.46
CA ALA A 296 3.60 -16.71 -4.01
C ALA A 296 2.62 -17.50 -3.10
N THR A 297 1.99 -16.83 -2.11
CA THR A 297 1.10 -17.47 -1.14
C THR A 297 -0.35 -17.14 -1.46
N ILE A 298 -1.26 -18.12 -1.37
CA ILE A 298 -2.68 -17.88 -1.60
C ILE A 298 -3.35 -17.80 -0.24
N PRO A 299 -3.85 -16.63 0.19
CA PRO A 299 -4.44 -16.53 1.53
C PRO A 299 -5.80 -17.19 1.60
N ASN A 300 -6.18 -17.63 2.80
CA ASN A 300 -7.49 -18.23 3.03
C ASN A 300 -8.43 -17.07 3.29
N GLY A 301 -8.80 -16.39 2.21
CA GLY A 301 -9.70 -15.25 2.26
C GLY A 301 -9.00 -13.94 2.47
N PHE A 302 -9.78 -12.90 2.77
CA PHE A 302 -9.25 -11.56 3.02
C PHE A 302 -8.85 -11.61 4.49
N ASN A 303 -7.73 -12.29 4.74
CA ASN A 303 -7.34 -12.77 6.05
C ASN A 303 -5.87 -13.10 6.08
N PHE A 304 -5.11 -12.34 6.86
CA PHE A 304 -3.68 -12.42 6.87
C PHE A 304 -3.10 -12.53 8.29
N PRO A 305 -2.03 -13.33 8.50
CA PRO A 305 -1.49 -13.49 9.87
C PRO A 305 -1.16 -12.20 10.60
N ASN A 306 -0.77 -11.16 9.87
CA ASN A 306 -0.42 -9.90 10.53
C ASN A 306 -1.61 -9.25 11.23
N TYR A 307 -2.86 -9.71 11.00
CA TYR A 307 -4.01 -9.14 11.71
C TYR A 307 -4.02 -9.50 13.21
N GLY A 308 -3.19 -10.47 13.63
CA GLY A 308 -3.07 -10.85 15.03
C GLY A 308 -4.33 -11.46 15.57
N LYS A 309 -5.03 -10.70 16.43
CA LYS A 309 -6.27 -11.16 17.08
C LYS A 309 -7.44 -11.33 16.10
N THR A 310 -7.38 -10.68 14.94
CA THR A 310 -8.43 -10.83 13.93
C THR A 310 -7.95 -11.66 12.71
N PHE A 311 -6.90 -12.48 12.87
CA PHE A 311 -6.51 -13.45 11.84
C PHE A 311 -7.23 -14.74 12.21
N ASP A 312 -7.85 -15.42 11.22
CA ASP A 312 -8.50 -16.68 11.50
C ASP A 312 -7.64 -17.79 10.84
N PRO A 313 -6.77 -18.51 11.59
CA PRO A 313 -5.95 -19.56 10.95
C PRO A 313 -6.70 -20.76 10.41
N ASN A 314 -7.96 -20.95 10.84
CA ASN A 314 -8.78 -22.07 10.43
C ASN A 314 -9.75 -21.73 9.29
N ARG A 315 -9.75 -20.51 8.75
CA ARG A 315 -10.69 -20.15 7.69
C ARG A 315 -10.48 -20.97 6.41
N ARG A 316 -11.59 -21.32 5.74
CA ARG A 316 -11.58 -22.09 4.51
C ARG A 316 -10.90 -21.31 3.35
N ALA A 317 -10.47 -22.04 2.33
CA ALA A 317 -9.89 -21.46 1.14
C ALA A 317 -10.95 -20.74 0.30
N MET A 318 -10.50 -19.79 -0.55
CA MET A 318 -11.38 -19.10 -1.48
C MET A 318 -11.74 -20.11 -2.56
N GLU A 319 -12.98 -20.02 -3.06
CA GLU A 319 -13.58 -20.99 -3.96
C GLU A 319 -13.07 -20.97 -5.39
N TYR A 320 -13.01 -22.15 -5.99
CA TYR A 320 -12.70 -22.33 -7.39
C TYR A 320 -13.77 -23.29 -7.88
N ASN A 321 -14.69 -22.79 -8.72
CA ASN A 321 -15.82 -23.60 -9.15
C ASN A 321 -16.25 -23.21 -10.56
N ILE A 322 -15.74 -23.94 -11.55
CA ILE A 322 -16.00 -23.66 -12.96
C ILE A 322 -17.48 -23.85 -13.27
N GLU A 323 -18.08 -24.89 -12.72
CA GLU A 323 -19.50 -25.18 -12.96
C GLU A 323 -20.40 -24.03 -12.49
N GLU A 324 -20.17 -23.51 -11.28
CA GLU A 324 -20.94 -22.40 -10.74
C GLU A 324 -20.65 -21.11 -11.51
N ALA A 325 -19.39 -20.90 -11.96
CA ALA A 325 -19.05 -19.73 -12.75
C ALA A 325 -19.80 -19.75 -14.09
N LYS A 326 -19.88 -20.92 -14.75
CA LYS A 326 -20.58 -21.05 -16.01
C LYS A 326 -22.07 -20.78 -15.81
N ARG A 327 -22.64 -21.24 -14.69
CA ARG A 327 -24.04 -21.02 -14.35
C ARG A 327 -24.28 -19.55 -14.10
N LEU A 328 -23.35 -18.85 -13.44
CA LEU A 328 -23.52 -17.42 -13.17
C LEU A 328 -23.35 -16.56 -14.43
N VAL A 329 -22.55 -16.99 -15.45
CA VAL A 329 -22.44 -16.22 -16.70
C VAL A 329 -23.79 -16.29 -17.42
N LYS A 330 -24.35 -17.49 -17.58
CA LYS A 330 -25.64 -17.63 -18.25
C LYS A 330 -26.78 -16.98 -17.42
N GLU A 331 -26.73 -17.09 -16.07
CA GLU A 331 -27.71 -16.43 -15.20
C GLU A 331 -27.66 -14.92 -15.39
N SER A 332 -26.46 -14.35 -15.59
CA SER A 332 -26.33 -12.92 -15.90
C SER A 332 -26.80 -12.70 -17.38
N GLY A 333 -26.98 -11.45 -17.77
CA GLY A 333 -27.39 -11.15 -19.14
C GLY A 333 -26.27 -11.24 -20.16
N TYR A 334 -25.02 -11.59 -19.72
CA TYR A 334 -23.83 -11.61 -20.57
C TYR A 334 -24.03 -12.24 -21.95
N ASP A 335 -23.77 -11.43 -22.99
CA ASP A 335 -24.02 -11.74 -24.40
C ASP A 335 -22.77 -11.95 -25.28
N GLY A 336 -21.59 -11.98 -24.70
CA GLY A 336 -20.35 -12.17 -25.45
C GLY A 336 -19.59 -10.88 -25.76
N THR A 337 -20.10 -9.72 -25.32
CA THR A 337 -19.43 -8.43 -25.57
C THR A 337 -18.04 -8.43 -24.94
N PRO A 338 -16.94 -8.09 -25.64
CA PRO A 338 -15.63 -8.08 -24.96
C PRO A 338 -15.55 -7.10 -23.81
N ILE A 339 -14.83 -7.48 -22.73
CA ILE A 339 -14.66 -6.63 -21.54
C ILE A 339 -13.19 -6.28 -21.41
N THR A 340 -12.86 -5.00 -21.28
CA THR A 340 -11.45 -4.61 -21.12
C THR A 340 -10.94 -4.85 -19.72
N TYR A 341 -9.64 -5.18 -19.61
CA TYR A 341 -8.92 -5.31 -18.36
C TYR A 341 -7.70 -4.43 -18.52
N HIS A 342 -7.67 -3.31 -17.78
CA HIS A 342 -6.56 -2.38 -17.86
C HIS A 342 -5.45 -2.74 -16.91
N THR A 343 -4.22 -2.66 -17.40
CA THR A 343 -3.03 -2.90 -16.59
C THR A 343 -1.91 -1.95 -17.05
N MET A 344 -1.19 -1.35 -16.10
CA MET A 344 -0.11 -0.42 -16.43
C MET A 344 1.16 -1.26 -16.62
N GLY A 345 1.17 -2.10 -17.63
CA GLY A 345 2.25 -3.04 -17.86
C GLY A 345 2.37 -3.98 -16.68
N ASN A 346 3.62 -4.15 -16.21
CA ASN A 346 3.95 -4.94 -15.05
C ASN A 346 4.39 -4.04 -13.91
N TYR A 347 3.61 -2.97 -13.66
CA TYR A 347 3.73 -2.18 -12.41
C TYR A 347 3.56 -3.16 -11.23
N TYR A 348 2.63 -4.13 -11.35
CA TYR A 348 2.50 -5.26 -10.45
C TYR A 348 3.28 -6.37 -11.11
N ALA A 349 4.15 -7.06 -10.37
CA ALA A 349 4.92 -8.17 -10.94
C ALA A 349 4.00 -9.23 -11.50
N ASN A 350 4.30 -9.68 -12.71
CA ASN A 350 3.57 -10.71 -13.43
C ASN A 350 2.15 -10.31 -13.78
N ALA A 351 1.87 -9.00 -13.81
CA ALA A 351 0.51 -8.55 -14.12
C ALA A 351 0.03 -8.99 -15.49
N VAL A 352 0.89 -8.84 -16.50
CA VAL A 352 0.48 -9.14 -17.87
C VAL A 352 0.43 -10.66 -18.09
N PRO A 353 1.48 -11.44 -17.74
CA PRO A 353 1.36 -12.90 -17.91
C PRO A 353 0.22 -13.52 -17.08
N ALA A 354 -0.07 -12.98 -15.87
CA ALA A 354 -1.19 -13.50 -15.07
C ALA A 354 -2.50 -13.21 -15.79
N LEU A 355 -2.67 -11.99 -16.30
CA LEU A 355 -3.84 -11.59 -17.06
C LEU A 355 -4.03 -12.49 -18.28
N MET A 356 -2.96 -12.78 -19.04
CA MET A 356 -3.11 -13.66 -20.23
C MET A 356 -3.60 -15.05 -19.83
N MET A 357 -3.13 -15.58 -18.69
CA MET A 357 -3.61 -16.86 -18.19
C MET A 357 -5.08 -16.77 -17.78
N MET A 358 -5.49 -15.69 -17.09
CA MET A 358 -6.88 -15.52 -16.67
C MET A 358 -7.81 -15.32 -17.86
N ILE A 359 -7.33 -14.70 -18.96
CA ILE A 359 -8.14 -14.56 -20.19
C ILE A 359 -8.51 -15.94 -20.71
N GLU A 360 -7.58 -16.90 -20.62
CA GLU A 360 -7.88 -18.26 -21.09
C GLU A 360 -8.90 -18.91 -20.14
N MET A 361 -8.74 -18.72 -18.83
CA MET A 361 -9.69 -19.26 -17.86
C MET A 361 -11.09 -18.70 -18.07
N TRP A 362 -11.17 -17.41 -18.41
CA TRP A 362 -12.45 -16.74 -18.64
C TRP A 362 -13.08 -17.13 -19.96
N LYS A 363 -12.25 -17.34 -20.99
CA LYS A 363 -12.74 -17.83 -22.28
C LYS A 363 -13.45 -19.21 -22.09
N GLN A 364 -12.91 -20.04 -21.16
CA GLN A 364 -13.46 -21.36 -20.84
C GLN A 364 -14.81 -21.30 -20.14
N ILE A 365 -15.20 -20.16 -19.53
CA ILE A 365 -16.54 -20.00 -18.95
C ILE A 365 -17.48 -19.13 -19.83
N GLY A 366 -17.03 -18.75 -21.03
CA GLY A 366 -17.82 -17.99 -21.98
C GLY A 366 -17.71 -16.48 -21.93
N VAL A 367 -16.68 -15.93 -21.23
CA VAL A 367 -16.50 -14.47 -21.13
C VAL A 367 -15.27 -14.05 -21.92
N THR A 368 -15.39 -13.02 -22.78
CA THR A 368 -14.27 -12.54 -23.57
C THR A 368 -13.67 -11.33 -22.86
N VAL A 369 -12.45 -11.49 -22.37
CA VAL A 369 -11.74 -10.37 -21.72
C VAL A 369 -10.57 -9.98 -22.63
N VAL A 370 -10.36 -8.67 -22.86
CA VAL A 370 -9.31 -8.19 -23.75
C VAL A 370 -8.32 -7.36 -22.93
N PRO A 371 -7.00 -7.55 -23.10
CA PRO A 371 -6.05 -6.75 -22.33
C PRO A 371 -5.92 -5.33 -22.89
N LYS A 372 -5.79 -4.36 -21.99
CA LYS A 372 -5.54 -2.98 -22.37
C LYS A 372 -4.34 -2.53 -21.56
N VAL A 373 -3.17 -2.68 -22.15
CA VAL A 373 -1.91 -2.40 -21.47
C VAL A 373 -1.52 -0.94 -21.75
N TYR A 374 -1.35 -0.14 -20.69
CA TYR A 374 -1.02 1.27 -20.82
C TYR A 374 0.30 1.59 -20.12
N ALA A 375 0.93 2.68 -20.53
CA ALA A 375 2.21 3.14 -20.00
C ALA A 375 1.95 4.10 -18.84
N PRO A 376 2.95 4.34 -17.95
CA PRO A 376 2.73 5.31 -16.86
C PRO A 376 2.14 6.65 -17.30
N GLY A 377 1.17 7.13 -16.53
CA GLY A 377 0.49 8.38 -16.81
C GLY A 377 -0.60 8.30 -17.89
N GLY A 378 -0.80 7.13 -18.49
CA GLY A 378 -1.79 6.97 -19.55
C GLY A 378 -3.02 6.22 -19.09
N ALA A 379 -3.42 6.40 -17.83
CA ALA A 379 -4.56 5.70 -17.27
C ALA A 379 -5.86 6.12 -17.96
N PRO A 380 -6.81 5.19 -18.19
CA PRO A 380 -8.08 5.62 -18.83
C PRO A 380 -8.94 6.42 -17.88
N LYS A 381 -9.91 7.17 -18.43
CA LYS A 381 -10.90 7.85 -17.59
C LYS A 381 -11.75 6.73 -16.95
N ASP A 382 -12.30 6.94 -15.74
CA ASP A 382 -13.08 5.90 -15.06
C ASP A 382 -14.22 5.36 -15.94
N GLN A 383 -14.89 6.24 -16.71
CA GLN A 383 -15.94 5.85 -17.64
C GLN A 383 -15.50 4.80 -18.69
N ASP A 384 -14.19 4.71 -18.97
CA ASP A 384 -13.62 3.73 -19.90
C ASP A 384 -12.94 2.52 -19.17
N SER A 385 -12.96 2.49 -17.84
CA SER A 385 -12.38 1.38 -17.08
C SER A 385 -13.48 0.39 -16.73
N TYR A 386 -13.25 -0.90 -16.99
CA TYR A 386 -14.18 -2.00 -16.75
C TYR A 386 -13.46 -2.88 -15.71
N MET A 387 -12.56 -3.82 -16.11
CA MET A 387 -11.76 -4.57 -15.14
C MET A 387 -10.38 -3.90 -15.06
N ARG A 388 -9.74 -4.04 -13.91
CA ARG A 388 -8.39 -3.52 -13.71
C ARG A 388 -7.71 -4.31 -12.61
N ASN A 389 -6.41 -4.15 -12.48
CA ASN A 389 -5.68 -4.78 -11.38
C ASN A 389 -5.32 -3.76 -10.34
N TRP A 390 -5.05 -4.24 -9.13
CA TRP A 390 -4.74 -3.41 -7.99
C TRP A 390 -4.05 -4.30 -6.93
N SER A 391 -3.61 -3.70 -5.84
CA SER A 391 -3.07 -4.41 -4.70
C SER A 391 -3.47 -3.68 -3.44
N ASN A 392 -3.45 -4.36 -2.30
CA ASN A 392 -3.64 -3.67 -1.02
C ASN A 392 -2.57 -4.14 -0.05
N GLY A 393 -1.84 -3.22 0.53
CA GLY A 393 -0.92 -3.51 1.62
C GLY A 393 -1.68 -3.58 2.93
N GLN A 394 -1.43 -4.66 3.71
CA GLN A 394 -2.08 -4.93 5.00
C GLN A 394 -1.23 -4.26 6.02
N TRP A 395 -1.49 -2.97 6.18
CA TRP A 395 -0.64 -2.04 6.89
C TRP A 395 -0.89 -1.87 8.40
N MET A 396 -1.84 -2.61 8.98
CA MET A 396 -2.06 -2.57 10.43
C MET A 396 -2.08 -3.97 11.02
N THR A 397 -1.85 -4.09 12.34
CA THR A 397 -1.93 -5.38 13.01
C THR A 397 -3.37 -5.58 13.46
N ASP A 398 -4.29 -5.43 12.52
CA ASP A 398 -5.72 -5.45 12.80
C ASP A 398 -6.45 -5.54 11.47
N ALA A 399 -7.49 -6.38 11.38
CA ALA A 399 -8.24 -6.58 10.15
C ALA A 399 -8.98 -5.35 9.67
N TRP A 400 -9.01 -4.24 10.48
CA TRP A 400 -9.60 -2.99 10.00
C TRP A 400 -8.96 -2.57 8.65
N ALA A 401 -7.65 -2.86 8.49
CA ALA A 401 -6.95 -2.58 7.25
C ALA A 401 -6.77 -3.92 6.46
N THR A 402 -7.17 -4.07 5.18
CA THR A 402 -7.84 -3.06 4.32
C THR A 402 -9.31 -3.33 4.05
N MET A 403 -9.94 -4.33 4.73
CA MET A 403 -11.36 -4.60 4.51
C MET A 403 -12.20 -3.35 4.76
N ILE A 404 -11.88 -2.62 5.83
CA ILE A 404 -12.69 -1.45 6.19
C ILE A 404 -12.16 -0.21 5.50
N CYS A 405 -10.85 0.06 5.62
CA CYS A 405 -10.33 1.32 5.08
C CYS A 405 -10.37 1.39 3.53
N GLU A 406 -10.41 0.27 2.79
CA GLU A 406 -10.56 0.31 1.32
C GLU A 406 -11.97 -0.11 0.85
N PHE A 407 -12.53 -1.16 1.45
CA PHE A 407 -13.82 -1.73 1.02
C PHE A 407 -15.03 -1.30 1.85
N GLY A 408 -14.81 -0.58 2.95
CA GLY A 408 -15.89 -0.11 3.79
C GLY A 408 -16.61 1.11 3.21
N PRO A 409 -17.64 1.58 3.93
CA PRO A 409 -18.48 2.67 3.40
C PRO A 409 -17.77 3.99 3.10
N LYS A 410 -16.67 4.29 3.78
CA LYS A 410 -15.90 5.52 3.55
C LYS A 410 -14.78 5.32 2.48
N GLY A 411 -14.58 4.09 2.01
CA GLY A 411 -13.52 3.79 1.06
C GLY A 411 -13.83 4.06 -0.39
N GLN A 412 -12.81 3.95 -1.23
CA GLN A 412 -12.95 4.22 -2.65
C GLN A 412 -13.68 3.15 -3.44
N VAL A 413 -13.73 1.89 -2.98
CA VAL A 413 -14.41 0.82 -3.73
C VAL A 413 -15.92 1.13 -3.81
N GLN A 414 -16.49 1.63 -2.71
CA GLN A 414 -17.90 2.01 -2.70
C GLN A 414 -18.09 3.43 -3.25
N LYS A 415 -17.24 4.36 -2.83
CA LYS A 415 -17.41 5.77 -3.21
C LYS A 415 -17.06 6.06 -4.67
N ARG A 416 -15.83 5.79 -5.08
CA ARG A 416 -15.41 6.05 -6.46
C ARG A 416 -15.84 4.96 -7.45
N TRP A 417 -15.64 3.69 -7.10
CA TRP A 417 -15.87 2.58 -8.01
C TRP A 417 -17.27 1.96 -7.95
N GLY A 418 -18.16 2.51 -7.13
CA GLY A 418 -19.58 2.19 -7.17
C GLY A 418 -20.07 0.85 -6.67
N TRP A 419 -19.34 0.20 -5.74
CA TRP A 419 -19.82 -1.06 -5.19
C TRP A 419 -20.99 -0.73 -4.25
N LYS A 420 -22.17 -1.29 -4.55
CA LYS A 420 -23.34 -1.13 -3.69
C LYS A 420 -23.29 -2.27 -2.70
N ALA A 421 -22.54 -2.08 -1.61
CA ALA A 421 -22.35 -3.12 -0.61
C ALA A 421 -23.65 -3.46 0.09
N PRO A 422 -23.91 -4.73 0.51
CA PRO A 422 -25.14 -4.99 1.28
C PRO A 422 -25.18 -4.15 2.56
N ALA A 423 -26.39 -3.83 3.02
CA ALA A 423 -26.53 -3.06 4.25
C ALA A 423 -25.86 -3.76 5.45
N GLU A 424 -25.94 -5.10 5.52
CA GLU A 424 -25.28 -5.86 6.59
C GLU A 424 -23.76 -5.62 6.57
N PHE A 425 -23.17 -5.52 5.37
CA PHE A 425 -21.73 -5.30 5.25
C PHE A 425 -21.34 -3.96 5.88
N ASN A 426 -22.06 -2.88 5.53
CA ASN A 426 -21.72 -1.56 6.06
C ASN A 426 -22.03 -1.43 7.56
N ASP A 427 -23.09 -2.09 8.03
CA ASP A 427 -23.38 -2.12 9.48
C ASP A 427 -22.27 -2.89 10.22
N LEU A 428 -21.76 -4.00 9.65
CA LEU A 428 -20.67 -4.75 10.30
C LEU A 428 -19.38 -3.93 10.32
N CYS A 429 -19.11 -3.16 9.26
CA CYS A 429 -17.94 -2.26 9.24
C CYS A 429 -18.02 -1.26 10.39
N THR A 430 -19.21 -0.72 10.62
CA THR A 430 -19.41 0.23 11.70
C THR A 430 -19.20 -0.46 13.05
N LYS A 431 -19.80 -1.62 13.24
CA LYS A 431 -19.67 -2.39 14.48
C LYS A 431 -18.22 -2.72 14.87
N VAL A 432 -17.46 -3.34 13.97
CA VAL A 432 -16.08 -3.74 14.28
C VAL A 432 -15.21 -2.56 14.66
N SER A 433 -15.51 -1.37 14.13
CA SER A 433 -14.71 -0.18 14.41
C SER A 433 -15.07 0.48 15.75
N GLN A 434 -16.07 -0.04 16.51
CA GLN A 434 -16.47 0.53 17.79
C GLN A 434 -16.40 -0.44 18.97
N ILE A 435 -16.03 -1.71 18.74
CA ILE A 435 -15.95 -2.72 19.79
C ILE A 435 -14.52 -3.25 19.93
N PRO A 436 -14.11 -3.71 21.13
CA PRO A 436 -12.74 -4.23 21.27
C PRO A 436 -12.58 -5.62 20.68
N ASP A 437 -11.32 -6.12 20.66
CA ASP A 437 -11.04 -7.49 20.22
C ASP A 437 -11.77 -8.46 21.17
N SER A 438 -12.53 -9.36 20.58
CA SER A 438 -13.40 -10.27 21.34
C SER A 438 -13.96 -11.32 20.38
N LYS A 439 -14.67 -12.32 20.91
CA LYS A 439 -15.36 -13.31 20.10
C LYS A 439 -16.28 -12.64 19.05
N GLU A 440 -17.03 -11.58 19.46
CA GLU A 440 -17.95 -10.86 18.58
C GLU A 440 -17.22 -10.19 17.42
N ARG A 441 -16.12 -9.48 17.72
CA ARG A 441 -15.36 -8.79 16.69
C ARG A 441 -14.73 -9.79 15.71
N PHE A 442 -14.18 -10.88 16.23
CA PHE A 442 -13.56 -11.92 15.41
C PHE A 442 -14.59 -12.54 14.43
N ASP A 443 -15.76 -12.90 14.95
CA ASP A 443 -16.86 -13.44 14.15
C ASP A 443 -17.38 -12.42 13.14
N ALA A 444 -17.42 -11.13 13.52
CA ALA A 444 -17.89 -10.09 12.62
C ALA A 444 -16.95 -9.97 11.41
N PHE A 445 -15.62 -10.04 11.64
CA PHE A 445 -14.70 -9.97 10.53
C PHE A 445 -14.87 -11.18 9.59
N ASN A 446 -15.18 -12.36 10.13
CA ASN A 446 -15.40 -13.52 9.28
C ASN A 446 -16.69 -13.35 8.45
N ARG A 447 -17.74 -12.74 9.03
CA ARG A 447 -18.95 -12.44 8.25
C ARG A 447 -18.60 -11.43 7.12
N LEU A 448 -17.76 -10.40 7.39
CA LEU A 448 -17.34 -9.45 6.34
C LEU A 448 -16.63 -10.20 5.20
N ARG A 449 -15.74 -11.14 5.56
CA ARG A 449 -15.00 -11.94 4.57
C ARG A 449 -15.92 -12.76 3.72
N ASP A 450 -16.93 -13.36 4.35
CA ASP A 450 -17.93 -14.14 3.64
C ASP A 450 -18.70 -13.27 2.64
N ILE A 451 -19.09 -12.04 3.05
CA ILE A 451 -19.83 -11.14 2.18
C ILE A 451 -18.93 -10.68 1.04
N PHE A 452 -17.65 -10.38 1.31
CA PHE A 452 -16.69 -10.01 0.30
C PHE A 452 -16.62 -11.08 -0.81
N GLU A 453 -16.57 -12.37 -0.45
CA GLU A 453 -16.49 -13.45 -1.44
C GLU A 453 -17.80 -13.62 -2.19
N GLU A 454 -18.94 -13.37 -1.53
CA GLU A 454 -20.24 -13.48 -2.17
C GLU A 454 -20.46 -12.38 -3.22
N GLU A 455 -20.06 -11.15 -2.88
CA GLU A 455 -20.25 -9.97 -3.72
C GLU A 455 -19.15 -9.76 -4.75
N ALA A 456 -17.93 -10.22 -4.45
CA ALA A 456 -16.79 -10.06 -5.36
C ALA A 456 -16.60 -8.63 -5.87
N PRO A 457 -16.53 -7.62 -4.99
CA PRO A 457 -16.13 -6.27 -5.47
C PRO A 457 -14.69 -6.26 -5.99
N ALA A 458 -13.89 -7.23 -5.51
CA ALA A 458 -12.52 -7.49 -5.94
C ALA A 458 -12.30 -9.01 -5.78
N VAL A 459 -11.23 -9.52 -6.40
CA VAL A 459 -10.90 -10.91 -6.36
C VAL A 459 -9.45 -11.00 -5.99
N ILE A 460 -9.19 -11.57 -4.82
CA ILE A 460 -7.83 -11.73 -4.32
C ILE A 460 -7.15 -12.78 -5.13
N LEU A 461 -5.93 -12.51 -5.61
CA LEU A 461 -5.17 -13.51 -6.36
C LEU A 461 -4.20 -14.22 -5.43
N TYR A 462 -3.29 -13.47 -4.82
CA TYR A 462 -2.23 -14.04 -3.97
C TYR A 462 -1.38 -12.94 -3.39
N GLN A 463 -0.51 -13.29 -2.41
CA GLN A 463 0.48 -12.40 -1.89
C GLN A 463 1.73 -12.69 -2.75
N PRO A 464 2.28 -11.67 -3.39
CA PRO A 464 3.44 -11.91 -4.24
C PRO A 464 4.69 -12.26 -3.45
N PHE A 465 5.59 -12.98 -4.09
CA PHE A 465 6.91 -13.25 -3.51
C PHE A 465 7.71 -12.14 -4.15
N ASP A 466 7.91 -11.05 -3.40
CA ASP A 466 8.60 -9.88 -3.94
C ASP A 466 10.10 -10.13 -3.96
N VAL A 467 10.72 -9.82 -5.09
CA VAL A 467 12.16 -9.99 -5.28
C VAL A 467 12.80 -8.67 -5.68
N TYR A 468 13.89 -8.31 -5.03
CA TYR A 468 14.71 -7.20 -5.46
C TYR A 468 16.12 -7.75 -5.65
N ALA A 469 16.93 -6.95 -6.33
CA ALA A 469 18.29 -7.37 -6.63
C ALA A 469 19.22 -6.20 -6.52
N ALA A 470 20.47 -6.49 -6.20
CA ALA A 470 21.43 -5.42 -5.99
C ALA A 470 22.85 -5.94 -6.14
N ARG A 471 23.79 -5.03 -6.33
CA ARG A 471 25.20 -5.33 -6.20
C ARG A 471 25.45 -5.77 -4.76
N LYS A 472 26.29 -6.80 -4.59
CA LYS A 472 26.64 -7.24 -3.25
C LYS A 472 27.36 -6.13 -2.49
N ASP A 473 28.12 -5.30 -3.19
CA ASP A 473 28.87 -4.26 -2.48
C ASP A 473 28.05 -3.02 -2.13
N VAL A 474 26.74 -3.05 -2.35
CA VAL A 474 25.80 -1.99 -1.98
C VAL A 474 25.06 -2.53 -0.77
N HIS A 475 25.48 -2.12 0.43
CA HIS A 475 25.00 -2.72 1.68
C HIS A 475 23.82 -2.00 2.32
N TRP A 476 23.25 -1.00 1.65
CA TRP A 476 22.09 -0.30 2.19
C TRP A 476 21.22 -0.01 0.99
N ARG A 477 19.96 -0.46 1.03
CA ARG A 477 19.07 -0.46 -0.11
C ARG A 477 17.74 0.18 0.22
N PRO A 478 17.57 1.46 -0.14
CA PRO A 478 16.33 2.18 0.23
C PRO A 478 15.18 1.91 -0.70
N ILE A 479 14.66 0.67 -0.63
CA ILE A 479 13.59 0.23 -1.52
C ILE A 479 12.30 -0.22 -0.76
N SER A 480 12.30 -0.06 0.59
CA SER A 480 11.26 -0.38 1.57
C SER A 480 10.49 -1.66 1.25
C1 GLC B . -1.32 5.23 -9.46
C2 GLC B . -0.51 5.41 -10.74
C3 GLC B . 0.95 5.01 -10.51
C4 GLC B . 1.51 5.78 -9.33
C5 GLC B . 0.66 5.50 -8.10
C6 GLC B . 1.11 6.26 -6.89
O2 GLC B . -1.07 4.57 -11.76
O3 GLC B . 1.73 5.25 -11.68
O4 GLC B . 2.87 5.41 -9.07
O5 GLC B . -0.70 5.91 -8.37
O6 GLC B . 1.17 7.65 -7.15
H1 GLC B . -2.28 5.73 -9.61
H2 GLC B . -0.56 6.45 -11.07
H3 GLC B . 1.02 3.95 -10.32
H4 GLC B . 1.52 6.84 -9.57
H5 GLC B . 0.67 4.43 -7.87
H61 GLC B . 2.10 5.93 -6.55
H62 GLC B . 0.39 6.15 -6.08
HO2 GLC B . -0.59 4.80 -12.58
HO3 GLC B . 1.68 6.20 -11.88
HO4 GLC B . 3.38 5.67 -9.86
HO6 GLC B . 1.58 8.05 -6.36
C1 FRU B . -3.79 3.32 -9.98
C2 FRU B . -2.76 3.26 -8.85
C3 FRU B . -2.51 1.84 -8.28
C4 FRU B . -2.02 2.18 -6.87
C5 FRU B . -2.96 3.32 -6.50
C6 FRU B . -2.37 4.32 -5.52
O1 FRU B . -5.04 2.76 -9.59
O2 FRU B . -1.56 3.85 -9.29
O3 FRU B . -1.59 1.08 -9.07
O5 FRU B . -3.26 4.01 -7.73
O6 FRU B . -3.33 5.31 -5.16
H11 FRU B . -3.47 2.72 -10.83
H12 FRU B . -3.94 4.34 -10.37
H3 FRU B . -3.47 1.31 -8.19
H4 FRU B . -1.01 2.56 -6.98
H5 FRU B . -3.92 2.96 -6.13
H61 FRU B . -1.96 3.84 -4.64
H62 FRU B . -1.55 4.87 -5.99
HO1 FRU B . -5.42 3.33 -8.88
HO3 FRU B . -2.10 0.60 -9.79
HO6 FRU B . -3.49 5.91 -5.94
C1 GLC C . -1.32 5.23 -9.46
C2 GLC C . -0.51 5.41 -10.74
C3 GLC C . 0.95 5.01 -10.51
C4 GLC C . 1.51 5.78 -9.33
C5 GLC C . 0.66 5.50 -8.10
C6 GLC C . 1.11 6.26 -6.89
O2 GLC C . -1.07 4.57 -11.76
O3 GLC C . 1.73 5.25 -11.68
O4 GLC C . 2.87 5.41 -9.07
O5 GLC C . -0.70 5.91 -8.37
O6 GLC C . 1.17 7.65 -7.15
H1 GLC C . -2.28 5.73 -9.61
H2 GLC C . -0.56 6.45 -11.07
H3 GLC C . 1.02 3.95 -10.32
H4 GLC C . 1.52 6.84 -9.57
H5 GLC C . 0.67 4.43 -7.87
H61 GLC C . 2.10 5.93 -6.55
H62 GLC C . 0.39 6.15 -6.08
HO2 GLC C . -0.59 4.80 -12.58
HO3 GLC C . 1.68 6.20 -11.88
HO4 GLC C . 3.38 5.67 -9.86
HO6 GLC C . 1.58 8.05 -6.36
C1 FRU C . -3.79 3.32 -9.98
C2 FRU C . -2.76 3.26 -8.85
C3 FRU C . -2.51 1.84 -8.28
C4 FRU C . -2.02 2.18 -6.87
C5 FRU C . -2.96 3.32 -6.50
C6 FRU C . -2.37 4.32 -5.52
O1 FRU C . -5.04 2.76 -9.59
O2 FRU C . -1.56 3.85 -9.29
O3 FRU C . -1.59 1.08 -9.07
O4 FRU C . -2.26 0.96 -6.08
O5 FRU C . -3.26 4.01 -7.73
O6 FRU C . -3.33 5.31 -5.16
H11 FRU C . -3.47 2.72 -10.83
H12 FRU C . -3.94 4.34 -10.37
H3 FRU C . -3.47 1.31 -8.19
H4 FRU C . -1.01 2.56 -6.98
H5 FRU C . -3.92 2.96 -6.13
H61 FRU C . -1.96 3.84 -4.64
H62 FRU C . -1.55 4.87 -5.99
HO1 FRU C . -5.42 3.33 -8.88
HO3 FRU C . -2.10 0.60 -9.79
HO6 FRU C . -3.49 5.91 -5.94
OP2 VDF D . -1.50 -1.06 -5.51
P VDF D . -0.97 0.36 -5.32
OP1 VDF D . 0.30 0.74 -5.89
OP3 VDF D . -2.26 0.96 -6.08
O2 VDF D . -1.13 0.75 -3.79
C2 VDF D . -1.97 0.23 -2.84
C3 VDF D . -2.81 1.45 -2.24
O3 VDF D . -3.73 1.91 -3.27
C4 VDF D . -3.59 1.05 -1.00
O4 VDF D . -4.50 0.06 -1.34
C5 VDF D . -2.64 0.43 0.02
O5 VDF D . -1.87 -0.64 -0.56
C1 VDF D . -1.06 -0.34 -1.67
O1 VDF D . -0.05 0.56 -1.44
H2 VDF D . -2.66 -0.56 -3.22
H3 VDF D . -2.07 2.23 -1.95
HO3 VDF D . -3.17 2.26 -3.96
H4 VDF D . -4.05 1.96 -0.53
HO4 VDF D . -5.09 -0.05 -0.60
H51 VDF D . -1.99 1.18 0.49
H52 VDF D . -3.27 -0.05 0.81
HO1 VDF D . -0.07 0.87 -0.56
OP2 LAO E . -1.50 -1.06 -5.51
P LAO E . -0.97 0.36 -5.32
OP1 LAO E . 0.30 0.74 -5.89
O2 LAO E . -1.13 0.75 -3.79
C2 LAO E . -1.97 0.23 -2.84
C3 LAO E . -2.81 1.45 -2.24
O3 LAO E . -3.73 1.91 -3.27
C4 LAO E . -3.59 1.05 -1.00
O4 LAO E . -4.50 0.06 -1.34
C5 LAO E . -2.64 0.43 0.02
O5 LAO E . -1.87 -0.64 -0.56
C1 LAO E . -1.06 -0.34 -1.67
O1 LAO E . -0.44 -1.53 -2.05
H2 LAO E . -2.66 -0.56 -3.22
H3 LAO E . -2.07 2.23 -1.95
HO3 LAO E . -3.17 2.26 -3.96
H4 LAO E . -4.05 1.96 -0.53
HO4 LAO E . -5.09 -0.05 -0.60
H51 LAO E . -1.99 1.18 0.49
H52 LAO E . -3.27 -0.05 0.81
HO1 LAO E . 0.00 -1.47 -2.89
C1 EDO F . 4.76 17.06 -11.87
O1 EDO F . 3.70 16.39 -11.21
C2 EDO F . 6.09 16.71 -11.22
O2 EDO F . 7.01 17.77 -11.38
H11 EDO F . 4.57 18.13 -11.80
H12 EDO F . 4.76 16.75 -12.91
HO1 EDO F . 2.87 16.78 -11.53
H21 EDO F . 6.51 15.82 -11.71
H22 EDO F . 5.96 16.52 -10.16
HO2 EDO F . 7.76 17.58 -10.79
C1 EDO G . 28.23 -5.73 -12.70
O1 EDO G . 29.14 -5.31 -13.72
C2 EDO G . 27.68 -7.12 -12.99
O2 EDO G . 28.74 -8.05 -13.17
H11 EDO G . 27.42 -5.01 -12.65
H12 EDO G . 28.77 -5.73 -11.76
HO1 EDO G . 29.58 -4.50 -13.39
H21 EDO G . 27.09 -7.11 -13.90
H22 EDO G . 27.08 -7.46 -12.15
HO2 EDO G . 28.33 -8.91 -13.35
C1 EDO H . -18.95 5.09 19.71
O1 EDO H . -18.66 4.53 18.45
C2 EDO H . -20.12 6.01 19.62
O2 EDO H . -19.79 7.18 18.90
H11 EDO H . -18.06 5.62 20.08
H12 EDO H . -19.18 4.26 20.39
HO1 EDO H . -17.87 3.99 18.56
H21 EDO H . -20.42 6.32 20.63
H22 EDO H . -20.98 5.51 19.14
HO2 EDO H . -20.52 7.80 19.02
C1 PEG I . 30.22 -13.33 -14.83
O1 PEG I . 31.12 -12.25 -15.00
C2 PEG I . 29.44 -13.61 -16.08
O2 PEG I . 28.85 -14.91 -16.02
C3 PEG I . 27.52 -15.01 -15.50
C4 PEG I . 26.55 -15.28 -16.63
O4 PEG I . 26.96 -16.41 -17.40
H11 PEG I . 29.55 -13.10 -14.00
H12 PEG I . 30.82 -14.21 -14.56
HO1 PEG I . 31.50 -12.06 -14.14
H21 PEG I . 30.12 -13.59 -16.93
H22 PEG I . 28.66 -12.83 -16.23
H31 PEG I . 27.22 -14.10 -14.97
H32 PEG I . 27.49 -15.84 -14.81
H41 PEG I . 26.50 -14.42 -17.29
H42 PEG I . 25.55 -15.48 -16.23
HO4 PEG I . 26.29 -16.50 -18.12
#